data_5DWB
#
_entry.id   5DWB
#
_cell.length_a   50.587
_cell.length_b   87.093
_cell.length_c   66.521
_cell.angle_alpha   90.000
_cell.angle_beta   99.820
_cell.angle_gamma   90.000
#
_symmetry.space_group_name_H-M   'P 1 21 1'
#
loop_
_entity.id
_entity.type
_entity.pdbx_description
1 polymer 'Type-2 restriction enzyme AgeI'
2 polymer "DNA (5'-D(*TP*TP*CP*GP*AP*CP*CP*GP*GP*TP*CP*GP*A*)-3')"
3 water water
#
loop_
_entity_poly.entity_id
_entity_poly.type
_entity_poly.pdbx_seq_one_letter_code
_entity_poly.pdbx_strand_id
1 'polypeptide(L)'
;MRLDLDFGRGLVAHVMLDNVSEEQYQQISDYFVPLVNKPKLKSRDAIGQAFVMATEVCPDANPSDLWHHVLYRIYIREKI
GTDPSQSWVRTSGEAFEVALVERYNPVLARHGIRLTALFKGQKGLALTRMGVADRVGSRKVDVMIEKQGGGRSPDAEGFG
VVGGIHAKVSLAERVSDDIPASRIMMGEGLLSVLSTLDVKSFPPPHGDLVNRGELGTPDRPSDKRNYIEGHGDFSACFSY
NLRTSPSNATTPSGRHIYVSGFSGQDDEFTDYLVAQLA
;
A,B
2 'polydeoxyribonucleotide' (DT)(DT)(DC)(DG)(DA)(DC)(DC)(DG)(DG)(DT)(DC)(DG)(DA) C,D
#
# COMPACT_ATOMS: atom_id res chain seq x y z
N MET A 1 17.66 -26.20 -9.59
CA MET A 1 18.28 -26.55 -8.32
C MET A 1 17.27 -26.49 -7.18
N ARG A 2 17.58 -27.21 -6.11
CA ARG A 2 16.79 -27.17 -4.89
C ARG A 2 17.41 -26.19 -3.91
N LEU A 3 16.60 -25.22 -3.48
CA LEU A 3 17.02 -24.21 -2.53
C LEU A 3 16.54 -24.54 -1.13
N ASP A 4 17.45 -24.61 -0.18
CA ASP A 4 17.10 -24.88 1.22
C ASP A 4 17.00 -23.57 1.99
N LEU A 5 15.92 -23.41 2.75
CA LEU A 5 15.67 -22.14 3.46
C LEU A 5 15.38 -22.33 4.95
N ASP A 6 15.89 -21.41 5.74
CA ASP A 6 15.69 -21.43 7.19
C ASP A 6 14.91 -20.19 7.63
N PHE A 7 13.72 -20.42 8.18
CA PHE A 7 12.83 -19.32 8.56
C PHE A 7 13.00 -18.90 10.03
N GLY A 8 14.00 -19.50 10.68
CA GLY A 8 14.40 -19.07 12.02
C GLY A 8 13.80 -19.73 13.25
N ARG A 9 12.55 -20.18 13.17
CA ARG A 9 11.90 -20.80 14.33
C ARG A 9 12.08 -22.33 14.34
N GLY A 10 13.22 -22.79 13.81
CA GLY A 10 13.47 -24.21 13.67
C GLY A 10 12.70 -24.71 12.46
N LEU A 11 12.25 -23.76 11.66
CA LEU A 11 11.44 -24.03 10.47
C LEU A 11 12.29 -24.10 9.22
N VAL A 12 12.31 -25.27 8.59
CA VAL A 12 13.12 -25.49 7.39
C VAL A 12 12.23 -25.91 6.23
N ALA A 13 12.40 -25.24 5.09
CA ALA A 13 11.61 -25.53 3.89
C ALA A 13 12.49 -25.50 2.65
N HIS A 14 11.96 -26.00 1.55
CA HIS A 14 12.69 -26.01 0.28
C HIS A 14 11.80 -25.62 -0.90
N VAL A 15 12.40 -25.01 -1.91
CA VAL A 15 11.70 -24.59 -3.13
C VAL A 15 12.55 -24.89 -4.37
N MET A 16 11.90 -25.32 -5.45
CA MET A 16 12.59 -25.62 -6.70
C MET A 16 12.95 -24.34 -7.46
N LEU A 17 14.18 -24.27 -7.97
CA LEU A 17 14.61 -23.14 -8.78
C LEU A 17 14.97 -23.61 -10.19
N ASP A 18 14.01 -23.54 -11.10
CA ASP A 18 14.17 -24.07 -12.45
C ASP A 18 15.17 -23.27 -13.27
N ASN A 19 16.00 -23.99 -14.02
CA ASN A 19 17.00 -23.39 -14.89
C ASN A 19 18.03 -22.53 -14.15
N VAL A 20 18.27 -22.88 -12.89
CA VAL A 20 19.37 -22.29 -12.13
C VAL A 20 20.21 -23.44 -11.59
N SER A 21 21.49 -23.47 -11.93
CA SER A 21 22.36 -24.49 -11.39
C SER A 21 22.92 -24.00 -10.07
N GLU A 22 23.48 -24.92 -9.28
CA GLU A 22 24.12 -24.58 -8.01
C GLU A 22 25.27 -23.61 -8.25
N GLU A 23 25.98 -23.84 -9.33
CA GLU A 23 27.11 -23.02 -9.72
C GLU A 23 26.63 -21.62 -10.11
N GLN A 24 25.52 -21.57 -10.86
CA GLN A 24 24.93 -20.31 -11.27
C GLN A 24 24.42 -19.52 -10.07
N TYR A 25 23.86 -20.22 -9.09
CA TYR A 25 23.38 -19.59 -7.87
C TYR A 25 24.54 -18.96 -7.10
N GLN A 26 25.67 -19.66 -7.06
CA GLN A 26 26.83 -19.18 -6.32
C GLN A 26 27.45 -17.95 -7.00
N GLN A 27 27.44 -17.94 -8.34
CA GLN A 27 27.90 -16.79 -9.10
C GLN A 27 27.13 -15.54 -8.70
N ILE A 28 25.81 -15.65 -8.74
CA ILE A 28 24.91 -14.54 -8.41
C ILE A 28 25.18 -14.10 -6.98
N SER A 29 25.30 -15.07 -6.08
CA SER A 29 25.60 -14.78 -4.68
C SER A 29 26.92 -14.02 -4.51
N ASP A 30 27.98 -14.51 -5.16
CA ASP A 30 29.29 -13.86 -5.07
C ASP A 30 29.27 -12.45 -5.65
N TYR A 31 28.37 -12.18 -6.58
CA TYR A 31 28.24 -10.84 -7.13
C TYR A 31 27.41 -9.93 -6.22
N PHE A 32 26.27 -10.43 -5.76
CA PHE A 32 25.30 -9.61 -5.03
C PHE A 32 25.66 -9.34 -3.56
N VAL A 33 26.12 -10.38 -2.85
CA VAL A 33 26.39 -10.27 -1.40
C VAL A 33 27.33 -9.12 -1.01
N PRO A 34 28.45 -8.91 -1.73
CA PRO A 34 29.30 -7.79 -1.31
C PRO A 34 28.69 -6.41 -1.63
N LEU A 35 27.59 -6.37 -2.38
CA LEU A 35 26.97 -5.11 -2.75
C LEU A 35 25.90 -4.69 -1.75
N VAL A 36 25.39 -5.66 -1.00
CA VAL A 36 24.29 -5.45 -0.05
C VAL A 36 24.59 -4.36 0.99
N ASN A 37 25.80 -4.38 1.53
CA ASN A 37 26.19 -3.43 2.57
C ASN A 37 27.32 -2.52 2.13
N LYS A 38 27.57 -2.46 0.83
CA LYS A 38 28.69 -1.69 0.28
C LYS A 38 28.46 -0.20 0.42
N PRO A 39 29.43 0.50 1.05
CA PRO A 39 29.38 1.94 1.28
C PRO A 39 29.28 2.75 -0.01
N LYS A 40 28.48 3.81 0.01
CA LYS A 40 28.35 4.74 -1.12
C LYS A 40 27.70 4.07 -2.33
N LEU A 41 27.16 2.87 -2.13
CA LEU A 41 26.37 2.23 -3.19
C LEU A 41 24.93 2.08 -2.72
N LYS A 42 24.01 2.71 -3.43
CA LYS A 42 22.59 2.58 -3.09
C LYS A 42 22.17 1.14 -3.30
N SER A 43 21.36 0.61 -2.40
CA SER A 43 20.92 -0.78 -2.55
C SER A 43 19.97 -0.91 -3.74
N ARG A 44 19.34 0.17 -4.15
CA ARG A 44 18.49 0.11 -5.34
C ARG A 44 19.34 -0.18 -6.57
N ASP A 45 20.58 0.32 -6.57
CA ASP A 45 21.57 0.01 -7.60
C ASP A 45 22.10 -1.41 -7.43
N ALA A 46 22.39 -1.77 -6.18
CA ALA A 46 22.92 -3.09 -5.86
C ALA A 46 21.98 -4.19 -6.31
N ILE A 47 20.70 -4.03 -6.00
CA ILE A 47 19.71 -5.05 -6.34
C ILE A 47 19.43 -5.07 -7.83
N GLY A 48 19.25 -3.88 -8.40
CA GLY A 48 18.95 -3.75 -9.81
C GLY A 48 20.04 -4.32 -10.69
N GLN A 49 21.29 -3.94 -10.39
CA GLN A 49 22.42 -4.45 -11.16
C GLN A 49 22.59 -5.95 -10.96
N ALA A 50 22.29 -6.44 -9.77
CA ALA A 50 22.36 -7.87 -9.53
C ALA A 50 21.28 -8.60 -10.32
N PHE A 51 20.10 -7.99 -10.44
CA PHE A 51 19.00 -8.59 -11.19
C PHE A 51 19.34 -8.65 -12.68
N VAL A 52 19.97 -7.59 -13.19
CA VAL A 52 20.45 -7.59 -14.57
C VAL A 52 21.46 -8.70 -14.76
N MET A 53 22.42 -8.78 -13.84
CA MET A 53 23.44 -9.83 -13.84
C MET A 53 22.81 -11.23 -13.73
N ALA A 54 21.95 -11.43 -12.73
CA ALA A 54 21.36 -12.74 -12.50
C ALA A 54 20.55 -13.26 -13.69
N THR A 55 19.82 -12.37 -14.36
CA THR A 55 19.01 -12.75 -15.52
C THR A 55 19.86 -13.08 -16.76
N GLU A 56 21.01 -12.43 -16.89
CA GLU A 56 21.95 -12.76 -17.96
C GLU A 56 22.62 -14.13 -17.70
N VAL A 57 22.92 -14.40 -16.44
CA VAL A 57 23.53 -15.67 -16.03
C VAL A 57 22.54 -16.83 -16.19
N CYS A 58 21.29 -16.57 -15.84
CA CYS A 58 20.25 -17.59 -15.94
C CYS A 58 19.09 -17.06 -16.79
N PRO A 59 19.30 -17.02 -18.12
CA PRO A 59 18.31 -16.40 -19.02
C PRO A 59 17.08 -17.25 -19.27
N ASP A 60 17.05 -18.48 -18.73
CA ASP A 60 15.90 -19.35 -18.90
C ASP A 60 15.18 -19.52 -17.57
N ALA A 61 15.81 -19.04 -16.50
CA ALA A 61 15.18 -19.07 -15.19
C ALA A 61 14.03 -18.09 -15.14
N ASN A 62 13.04 -18.37 -14.30
CA ASN A 62 11.97 -17.41 -14.03
C ASN A 62 12.53 -16.15 -13.39
N PRO A 63 12.45 -15.01 -14.09
CA PRO A 63 13.01 -13.75 -13.57
C PRO A 63 12.42 -13.37 -12.21
N SER A 64 11.15 -13.70 -12.00
CA SER A 64 10.49 -13.38 -10.74
C SER A 64 11.06 -14.25 -9.62
N ASP A 65 11.37 -15.51 -9.93
CA ASP A 65 12.01 -16.40 -8.97
C ASP A 65 13.40 -15.92 -8.54
N LEU A 66 14.15 -15.34 -9.47
CA LEU A 66 15.46 -14.80 -9.17
C LEU A 66 15.32 -13.58 -8.27
N TRP A 67 14.27 -12.81 -8.49
CA TRP A 67 14.01 -11.65 -7.66
C TRP A 67 13.58 -12.08 -6.28
N HIS A 68 12.56 -12.94 -6.23
CA HIS A 68 11.91 -13.34 -4.98
C HIS A 68 12.70 -14.36 -4.17
N HIS A 69 13.10 -15.45 -4.81
CA HIS A 69 13.74 -16.55 -4.09
C HIS A 69 15.25 -16.36 -3.92
N VAL A 70 15.89 -15.59 -4.80
CA VAL A 70 17.34 -15.40 -4.69
C VAL A 70 17.71 -14.03 -4.13
N LEU A 71 17.47 -12.96 -4.89
CA LEU A 71 17.93 -11.63 -4.47
C LEU A 71 17.29 -11.17 -3.17
N TYR A 72 15.96 -11.34 -3.07
CA TYR A 72 15.21 -10.98 -1.86
C TYR A 72 15.72 -11.70 -0.62
N ARG A 73 15.75 -13.02 -0.69
CA ARG A 73 16.12 -13.81 0.48
C ARG A 73 17.58 -13.61 0.85
N ILE A 74 18.45 -13.50 -0.16
CA ILE A 74 19.84 -13.18 0.15
C ILE A 74 19.96 -11.81 0.81
N TYR A 75 19.19 -10.83 0.33
CA TYR A 75 19.28 -9.47 0.85
C TYR A 75 18.85 -9.35 2.31
N ILE A 76 17.76 -10.04 2.65
CA ILE A 76 17.24 -10.07 4.01
C ILE A 76 18.24 -10.69 4.97
N ARG A 77 18.86 -11.77 4.52
CA ARG A 77 19.85 -12.48 5.29
C ARG A 77 21.09 -11.62 5.57
N GLU A 78 21.50 -10.84 4.58
CA GLU A 78 22.79 -10.16 4.64
C GLU A 78 22.76 -8.72 5.15
N LYS A 79 21.62 -8.05 5.03
CA LYS A 79 21.55 -6.62 5.35
C LYS A 79 21.83 -6.32 6.83
N ILE A 80 22.66 -5.30 7.05
CA ILE A 80 23.17 -4.94 8.37
C ILE A 80 22.90 -3.48 8.71
N GLY A 81 22.64 -3.22 10.00
CA GLY A 81 22.53 -1.86 10.49
C GLY A 81 21.23 -1.15 10.18
N THR A 82 20.28 -1.90 9.62
CA THR A 82 18.96 -1.37 9.29
C THR A 82 18.00 -2.55 9.15
N ASP A 83 16.69 -2.33 9.30
CA ASP A 83 15.78 -3.47 9.28
C ASP A 83 15.79 -4.12 7.90
N PRO A 84 16.10 -5.41 7.86
CA PRO A 84 16.25 -6.07 6.56
C PRO A 84 15.00 -6.03 5.70
N SER A 85 13.83 -6.25 6.31
CA SER A 85 12.56 -6.31 5.60
C SER A 85 12.10 -4.97 5.07
N GLN A 86 12.18 -3.96 5.93
CA GLN A 86 11.75 -2.61 5.56
C GLN A 86 12.77 -1.91 4.65
N SER A 87 14.04 -2.28 4.76
CA SER A 87 15.05 -1.78 3.84
C SER A 87 14.81 -2.36 2.45
N TRP A 88 14.46 -3.64 2.42
CA TRP A 88 14.11 -4.29 1.15
C TRP A 88 12.97 -3.54 0.45
N VAL A 89 11.95 -3.16 1.21
CA VAL A 89 10.81 -2.45 0.63
C VAL A 89 11.26 -1.14 -0.01
N ARG A 90 12.04 -0.36 0.74
CA ARG A 90 12.48 0.94 0.28
C ARG A 90 13.42 0.85 -0.94
N THR A 91 14.21 -0.21 -1.02
CA THR A 91 15.26 -0.27 -2.04
C THR A 91 14.89 -1.13 -3.25
N SER A 92 14.18 -2.24 -3.02
CA SER A 92 13.89 -3.18 -4.12
C SER A 92 12.92 -2.60 -5.14
N GLY A 93 11.99 -1.78 -4.68
CA GLY A 93 11.01 -1.18 -5.56
C GLY A 93 11.68 -0.30 -6.60
N GLU A 94 12.52 0.61 -6.13
CA GLU A 94 13.29 1.45 -7.03
C GLU A 94 14.32 0.65 -7.82
N ALA A 95 14.76 -0.48 -7.27
CA ALA A 95 15.73 -1.34 -7.94
C ALA A 95 15.17 -1.92 -9.25
N PHE A 96 13.88 -2.22 -9.24
CA PHE A 96 13.18 -2.77 -10.39
C PHE A 96 13.09 -1.72 -11.51
N GLU A 97 12.91 -0.46 -11.11
CA GLU A 97 12.92 0.66 -12.06
C GLU A 97 14.30 0.81 -12.70
N VAL A 98 15.33 0.82 -11.86
CA VAL A 98 16.73 0.91 -12.29
C VAL A 98 17.07 -0.21 -13.27
N ALA A 99 16.59 -1.41 -12.96
CA ALA A 99 16.88 -2.59 -13.77
C ALA A 99 16.13 -2.57 -15.10
N LEU A 100 14.94 -1.99 -15.11
CA LEU A 100 14.18 -1.85 -16.35
C LEU A 100 14.91 -0.90 -17.30
N VAL A 101 15.35 0.22 -16.77
CA VAL A 101 16.08 1.24 -17.53
C VAL A 101 17.37 0.66 -18.10
N GLU A 102 18.15 -0.01 -17.25
CA GLU A 102 19.43 -0.59 -17.66
C GLU A 102 19.28 -1.66 -18.72
N ARG A 103 18.28 -2.52 -18.54
CA ARG A 103 18.04 -3.64 -19.45
C ARG A 103 17.50 -3.22 -20.82
N TYR A 104 16.63 -2.21 -20.85
CA TYR A 104 15.91 -1.89 -22.08
C TYR A 104 16.45 -0.71 -22.92
N ASN A 105 17.00 0.30 -22.27
CA ASN A 105 17.48 1.48 -23.00
C ASN A 105 18.46 1.18 -24.15
N PRO A 106 19.46 0.28 -23.94
CA PRO A 106 20.34 -0.04 -25.07
C PRO A 106 19.58 -0.55 -26.31
N VAL A 107 18.51 -1.30 -26.09
CA VAL A 107 17.72 -1.84 -27.19
C VAL A 107 16.74 -0.79 -27.72
N LEU A 108 16.16 -0.02 -26.81
CA LEU A 108 15.15 0.95 -27.20
C LEU A 108 15.77 2.16 -27.90
N ALA A 109 17.07 2.35 -27.70
CA ALA A 109 17.78 3.49 -28.30
C ALA A 109 17.73 3.39 -29.82
N ARG A 110 17.85 2.18 -30.32
CA ARG A 110 17.85 1.90 -31.76
C ARG A 110 16.50 2.25 -32.40
N HIS A 111 15.46 2.35 -31.57
CA HIS A 111 14.13 2.70 -32.04
C HIS A 111 13.74 4.13 -31.67
N GLY A 112 14.69 4.87 -31.11
CA GLY A 112 14.48 6.28 -30.76
C GLY A 112 13.72 6.47 -29.47
N ILE A 113 13.53 5.36 -28.75
CA ILE A 113 12.81 5.33 -27.48
C ILE A 113 13.79 5.32 -26.30
N ARG A 114 13.46 6.08 -25.25
CA ARG A 114 14.33 6.17 -24.09
C ARG A 114 13.55 6.11 -22.79
N LEU A 115 13.98 5.27 -21.86
CA LEU A 115 13.38 5.20 -20.52
C LEU A 115 14.21 5.99 -19.52
N THR A 116 13.53 6.67 -18.60
CA THR A 116 14.23 7.37 -17.53
C THR A 116 13.50 7.16 -16.21
N ALA A 117 14.20 6.62 -15.21
CA ALA A 117 13.64 6.45 -13.87
C ALA A 117 13.50 7.80 -13.18
N LEU A 118 12.32 8.05 -12.62
CA LEU A 118 12.04 9.35 -12.00
C LEU A 118 12.08 9.27 -10.47
N PHE A 119 13.02 10.01 -9.89
CA PHE A 119 13.21 9.96 -8.45
C PHE A 119 12.94 11.30 -7.82
N LYS A 120 12.20 11.27 -6.72
CA LYS A 120 11.80 12.48 -6.01
C LYS A 120 11.11 13.55 -6.86
N GLY A 121 11.86 14.60 -7.19
CA GLY A 121 11.34 15.76 -7.88
C GLY A 121 11.22 15.57 -9.38
N GLN A 122 12.08 14.72 -9.93
CA GLN A 122 11.99 14.33 -11.35
C GLN A 122 10.58 13.92 -11.81
N LYS A 123 9.78 13.38 -10.91
CA LYS A 123 8.43 12.94 -11.24
C LYS A 123 7.53 14.10 -11.63
N GLY A 124 7.64 15.21 -10.91
CA GLY A 124 6.82 16.38 -11.16
C GLY A 124 7.05 17.03 -12.52
N LEU A 125 8.31 17.23 -12.89
CA LEU A 125 8.63 17.87 -14.15
C LEU A 125 8.15 17.03 -15.33
N ALA A 126 8.27 15.71 -15.19
CA ALA A 126 7.83 14.77 -16.21
C ALA A 126 6.31 14.83 -16.40
N LEU A 127 5.57 15.01 -15.31
CA LEU A 127 4.13 15.12 -15.39
C LEU A 127 3.73 16.43 -16.05
N THR A 128 4.49 17.49 -15.77
CA THR A 128 4.29 18.77 -16.43
C THR A 128 4.52 18.65 -17.94
N ARG A 129 5.59 17.97 -18.33
CA ARG A 129 5.91 17.77 -19.73
C ARG A 129 4.85 16.92 -20.43
N MET A 130 4.25 16.00 -19.67
CA MET A 130 3.15 15.18 -20.18
C MET A 130 1.88 16.01 -20.37
N GLY A 131 1.78 17.08 -19.58
CA GLY A 131 0.64 17.98 -19.69
C GLY A 131 -0.54 17.51 -18.85
N VAL A 132 -0.27 16.66 -17.86
CA VAL A 132 -1.34 16.14 -17.02
C VAL A 132 -1.10 16.50 -15.55
N ALA A 133 -0.09 17.33 -15.29
CA ALA A 133 0.34 17.63 -13.93
C ALA A 133 -0.80 18.19 -13.07
N ASP A 134 -1.69 18.95 -13.69
CA ASP A 134 -2.83 19.55 -13.01
C ASP A 134 -3.88 18.51 -12.56
N ARG A 135 -4.06 17.45 -13.34
CA ARG A 135 -5.14 16.48 -13.09
C ARG A 135 -4.71 15.15 -12.45
N VAL A 136 -3.43 14.98 -12.17
CA VAL A 136 -2.93 13.75 -11.53
C VAL A 136 -2.01 14.08 -10.36
N GLY A 137 -1.90 13.16 -9.41
CA GLY A 137 -1.08 13.35 -8.23
C GLY A 137 0.37 13.65 -8.57
N SER A 138 1.06 14.31 -7.65
CA SER A 138 2.42 14.81 -7.86
C SER A 138 3.48 13.75 -8.20
N ARG A 139 3.30 12.53 -7.70
CA ARG A 139 4.36 11.53 -7.83
C ARG A 139 3.89 10.21 -8.43
N LYS A 140 2.89 10.26 -9.30
CA LYS A 140 2.21 9.04 -9.77
C LYS A 140 2.74 8.46 -11.08
N VAL A 141 4.04 8.54 -11.30
CA VAL A 141 4.65 7.86 -12.45
C VAL A 141 6.11 7.51 -12.11
N ASP A 142 6.52 6.28 -12.44
CA ASP A 142 7.84 5.80 -12.04
C ASP A 142 8.89 5.96 -13.12
N VAL A 143 8.62 5.41 -14.30
CA VAL A 143 9.57 5.49 -15.40
C VAL A 143 8.94 6.17 -16.61
N MET A 144 9.41 7.36 -16.95
CA MET A 144 8.86 8.05 -18.10
C MET A 144 9.43 7.46 -19.38
N ILE A 145 8.60 7.44 -20.42
CA ILE A 145 9.01 6.97 -21.74
C ILE A 145 9.07 8.15 -22.70
N GLU A 146 10.20 8.28 -23.39
CA GLU A 146 10.38 9.37 -24.34
C GLU A 146 10.67 8.85 -25.73
N LYS A 147 10.30 9.65 -26.72
CA LYS A 147 10.51 9.31 -28.11
C LYS A 147 11.23 10.47 -28.78
N GLN A 148 12.23 10.16 -29.61
CA GLN A 148 12.95 11.20 -30.34
C GLN A 148 12.09 11.65 -31.51
N GLY A 149 11.87 12.96 -31.60
CA GLY A 149 11.09 13.53 -32.68
C GLY A 149 9.60 13.29 -32.54
N GLY A 150 9.20 12.83 -31.35
CA GLY A 150 7.80 12.59 -31.04
C GLY A 150 7.47 13.09 -29.65
N GLY A 151 6.25 12.81 -29.19
CA GLY A 151 5.87 13.13 -27.83
C GLY A 151 5.66 14.59 -27.51
N ARG A 152 5.42 14.87 -26.24
CA ARG A 152 5.13 16.23 -25.81
C ARG A 152 6.31 16.87 -25.11
N SER A 153 6.41 18.19 -25.23
CA SER A 153 7.46 18.97 -24.62
C SER A 153 8.87 18.41 -24.91
N PRO A 154 9.27 18.37 -26.19
CA PRO A 154 10.58 17.80 -26.56
C PRO A 154 11.72 18.55 -25.89
N ASP A 155 12.81 17.86 -25.55
CA ASP A 155 13.96 18.54 -24.95
C ASP A 155 14.87 19.08 -26.05
N ALA A 156 16.05 19.57 -25.67
CA ALA A 156 16.99 20.12 -26.64
C ALA A 156 17.38 19.13 -27.73
N GLU A 157 17.28 17.84 -27.44
CA GLU A 157 17.61 16.79 -28.40
C GLU A 157 16.35 16.26 -29.13
N GLY A 158 15.21 16.89 -28.89
CA GLY A 158 13.99 16.51 -29.57
C GLY A 158 13.32 15.25 -29.03
N PHE A 159 13.65 14.89 -27.80
CA PHE A 159 13.00 13.79 -27.09
C PHE A 159 11.80 14.31 -26.35
N GLY A 160 10.61 13.85 -26.74
CA GLY A 160 9.37 14.22 -26.09
C GLY A 160 8.75 13.04 -25.35
N VAL A 161 7.94 13.33 -24.35
CA VAL A 161 7.32 12.28 -23.55
C VAL A 161 6.13 11.66 -24.25
N VAL A 162 6.17 10.34 -24.44
CA VAL A 162 5.08 9.61 -25.08
C VAL A 162 4.28 8.76 -24.11
N GLY A 163 4.74 8.68 -22.87
CA GLY A 163 4.06 7.87 -21.87
C GLY A 163 4.90 7.57 -20.65
N GLY A 164 4.44 6.64 -19.83
CA GLY A 164 5.14 6.31 -18.60
C GLY A 164 4.90 4.89 -18.13
N ILE A 165 5.78 4.40 -17.27
CA ILE A 165 5.63 3.07 -16.71
C ILE A 165 5.30 3.13 -15.22
N HIS A 166 4.27 2.39 -14.84
CA HIS A 166 3.97 2.20 -13.43
C HIS A 166 4.58 0.87 -12.99
N ALA A 167 5.63 0.95 -12.18
CA ALA A 167 6.39 -0.25 -11.80
C ALA A 167 5.99 -0.76 -10.42
N LYS A 168 5.69 -2.05 -10.35
CA LYS A 168 5.36 -2.71 -9.08
C LYS A 168 5.98 -4.09 -9.07
N VAL A 169 6.85 -4.36 -8.09
CA VAL A 169 7.38 -5.71 -7.92
C VAL A 169 6.23 -6.67 -7.69
N SER A 170 5.33 -6.28 -6.79
CA SER A 170 4.13 -7.07 -6.51
C SER A 170 2.89 -6.19 -6.43
N LEU A 171 1.72 -6.79 -6.63
CA LEU A 171 0.51 -5.99 -6.77
C LEU A 171 -0.25 -5.75 -5.47
N ALA A 172 -0.68 -6.84 -4.83
CA ALA A 172 -1.57 -6.77 -3.67
C ALA A 172 -2.76 -5.85 -3.94
N GLU A 173 -3.04 -4.94 -3.02
CA GLU A 173 -4.10 -3.96 -3.25
C GLU A 173 -3.52 -2.64 -3.73
N ARG A 174 -2.18 -2.61 -3.81
CA ARG A 174 -1.43 -1.39 -4.09
C ARG A 174 -1.47 -0.99 -5.57
N VAL A 175 -1.82 -1.94 -6.43
CA VAL A 175 -1.94 -1.67 -7.85
C VAL A 175 -3.00 -0.59 -8.11
N SER A 176 -3.95 -0.46 -7.20
CA SER A 176 -4.98 0.58 -7.29
C SER A 176 -4.45 2.00 -7.11
N ASP A 177 -3.21 2.13 -6.61
CA ASP A 177 -2.59 3.45 -6.46
C ASP A 177 -2.53 4.17 -7.80
N ASP A 178 -2.15 3.43 -8.81
CA ASP A 178 -1.77 4.00 -10.09
C ASP A 178 -2.94 4.23 -11.04
N ILE A 179 -4.06 3.56 -10.79
CA ILE A 179 -5.16 3.53 -11.74
C ILE A 179 -5.75 4.90 -12.12
N PRO A 180 -6.00 5.81 -11.14
CA PRO A 180 -6.55 7.10 -11.59
C PRO A 180 -5.59 7.86 -12.50
N ALA A 181 -4.32 7.95 -12.10
CA ALA A 181 -3.31 8.60 -12.92
C ALA A 181 -3.17 7.93 -14.28
N SER A 182 -3.23 6.61 -14.29
CA SER A 182 -3.08 5.86 -15.53
C SER A 182 -4.18 6.17 -16.53
N ARG A 183 -5.42 6.23 -16.04
CA ARG A 183 -6.56 6.41 -16.93
C ARG A 183 -6.54 7.78 -17.61
N ILE A 184 -6.14 8.81 -16.87
CA ILE A 184 -6.04 10.14 -17.45
C ILE A 184 -4.91 10.20 -18.48
N MET A 185 -3.81 9.51 -18.20
CA MET A 185 -2.69 9.43 -19.13
C MET A 185 -3.12 8.78 -20.44
N MET A 186 -3.87 7.69 -20.32
CA MET A 186 -4.38 6.99 -21.49
C MET A 186 -5.35 7.86 -22.29
N GLY A 187 -6.06 8.75 -21.61
CA GLY A 187 -6.99 9.65 -22.26
C GLY A 187 -6.31 10.75 -23.05
N GLU A 188 -4.99 10.81 -22.96
CA GLU A 188 -4.20 11.79 -23.69
C GLU A 188 -3.45 11.16 -24.85
N GLY A 189 -3.68 9.87 -25.08
CA GLY A 189 -2.95 9.14 -26.08
C GLY A 189 -1.57 8.73 -25.58
N LEU A 190 -1.27 9.04 -24.32
CA LEU A 190 -0.02 8.62 -23.71
C LEU A 190 -0.10 7.14 -23.35
N LEU A 191 1.00 6.43 -23.54
CA LEU A 191 1.09 5.05 -23.07
C LEU A 191 1.15 5.03 -21.54
N SER A 192 0.43 4.09 -20.93
CA SER A 192 0.50 3.92 -19.50
C SER A 192 0.66 2.43 -19.20
N VAL A 193 1.91 2.02 -19.03
CA VAL A 193 2.25 0.61 -18.89
C VAL A 193 2.44 0.20 -17.43
N LEU A 194 1.84 -0.93 -17.06
CA LEU A 194 2.08 -1.53 -15.76
C LEU A 194 3.11 -2.64 -15.89
N SER A 195 4.33 -2.36 -15.43
CA SER A 195 5.39 -3.37 -15.44
C SER A 195 5.51 -4.00 -14.07
N THR A 196 5.51 -5.32 -14.03
CA THR A 196 5.53 -6.04 -12.77
C THR A 196 6.35 -7.33 -12.84
N LEU A 197 6.88 -7.72 -11.69
CA LEU A 197 7.54 -9.00 -11.54
C LEU A 197 6.51 -10.03 -11.06
N ASP A 198 5.33 -9.54 -10.69
CA ASP A 198 4.24 -10.37 -10.17
C ASP A 198 4.77 -11.36 -9.14
N VAL A 199 5.39 -10.81 -8.10
CA VAL A 199 5.96 -11.62 -7.03
C VAL A 199 4.92 -11.90 -5.95
N LYS A 200 4.62 -13.18 -5.76
CA LYS A 200 3.82 -13.62 -4.63
C LYS A 200 4.01 -15.11 -4.39
N SER A 201 4.63 -15.46 -3.27
CA SER A 201 4.65 -16.83 -2.83
C SER A 201 4.10 -16.86 -1.41
N PHE A 202 3.52 -17.98 -1.04
CA PHE A 202 2.97 -18.13 0.31
C PHE A 202 3.92 -18.98 1.14
N PRO A 203 4.42 -18.43 2.25
CA PRO A 203 5.39 -19.15 3.09
C PRO A 203 4.71 -20.26 3.91
N PRO A 204 5.49 -21.23 4.41
CA PRO A 204 4.94 -22.30 5.24
C PRO A 204 4.41 -21.76 6.57
N PRO A 205 3.59 -22.54 7.29
CA PRO A 205 3.10 -23.90 7.03
C PRO A 205 2.06 -24.02 5.90
N HIS A 206 1.24 -23.00 5.70
CA HIS A 206 0.17 -23.09 4.71
C HIS A 206 0.63 -23.08 3.27
N GLY A 207 1.69 -22.34 2.96
CA GLY A 207 2.13 -22.22 1.59
C GLY A 207 3.25 -23.15 1.17
N ASP A 208 3.34 -23.42 -0.12
CA ASP A 208 4.40 -24.27 -0.68
C ASP A 208 5.58 -23.47 -1.24
N LEU A 209 5.52 -22.14 -1.09
CA LEU A 209 6.58 -21.22 -1.52
C LEU A 209 6.77 -21.14 -3.03
N VAL A 210 5.83 -21.69 -3.78
CA VAL A 210 5.89 -21.56 -5.24
C VAL A 210 5.37 -20.16 -5.58
N ASN A 211 6.18 -19.42 -6.33
CA ASN A 211 5.88 -18.04 -6.70
C ASN A 211 4.96 -17.98 -7.92
N ARG A 212 3.65 -17.99 -7.67
CA ARG A 212 2.65 -18.03 -8.73
C ARG A 212 2.13 -16.64 -9.12
N GLY A 213 2.43 -15.64 -8.30
CA GLY A 213 1.94 -14.29 -8.56
C GLY A 213 0.49 -14.14 -8.17
N GLU A 214 -0.09 -13.00 -8.52
CA GLU A 214 -1.45 -12.66 -8.07
C GLU A 214 -2.45 -12.39 -9.19
N LEU A 215 -2.14 -12.83 -10.41
CA LEU A 215 -2.99 -12.50 -11.55
C LEU A 215 -3.92 -13.64 -11.96
N GLY A 216 -3.85 -14.76 -11.25
CA GLY A 216 -4.76 -15.88 -11.45
C GLY A 216 -4.80 -16.46 -12.84
N THR A 217 -6.02 -16.77 -13.31
CA THR A 217 -6.21 -17.39 -14.63
C THR A 217 -7.18 -16.59 -15.47
N PRO A 218 -7.02 -16.62 -16.80
CA PRO A 218 -7.93 -15.93 -17.73
C PRO A 218 -9.34 -16.52 -17.65
N ASP A 219 -9.39 -17.82 -17.37
CA ASP A 219 -10.65 -18.56 -17.29
C ASP A 219 -11.57 -18.02 -16.20
N ARG A 220 -11.00 -17.75 -15.03
CA ARG A 220 -11.74 -17.14 -13.93
C ARG A 220 -11.09 -15.81 -13.55
N PRO A 221 -11.42 -14.74 -14.29
CA PRO A 221 -10.73 -13.44 -14.13
C PRO A 221 -11.03 -12.77 -12.79
N SER A 222 -9.98 -12.48 -12.05
CA SER A 222 -10.08 -11.76 -10.78
C SER A 222 -10.12 -10.26 -11.00
N ASP A 223 -10.45 -9.52 -9.94
CA ASP A 223 -10.47 -8.06 -10.02
C ASP A 223 -9.11 -7.50 -10.44
N LYS A 224 -8.03 -8.16 -10.02
CA LYS A 224 -6.68 -7.75 -10.41
C LYS A 224 -6.48 -7.88 -11.91
N ARG A 225 -6.83 -9.04 -12.46
CA ARG A 225 -6.73 -9.27 -13.89
C ARG A 225 -7.67 -8.35 -14.66
N ASN A 226 -8.87 -8.16 -14.12
CA ASN A 226 -9.88 -7.34 -14.78
C ASN A 226 -9.54 -5.85 -14.80
N TYR A 227 -8.58 -5.43 -13.97
CA TYR A 227 -8.06 -4.08 -14.04
C TYR A 227 -7.56 -3.79 -15.45
N ILE A 228 -6.94 -4.80 -16.05
CA ILE A 228 -6.43 -4.69 -17.40
C ILE A 228 -7.43 -5.22 -18.43
N GLU A 229 -7.85 -6.46 -18.26
CA GLU A 229 -8.66 -7.16 -19.27
C GLU A 229 -10.10 -6.66 -19.37
N GLY A 230 -10.62 -6.10 -18.28
CA GLY A 230 -11.99 -5.58 -18.28
C GLY A 230 -12.09 -4.07 -18.29
N HIS A 231 -11.45 -3.42 -17.33
CA HIS A 231 -11.53 -1.97 -17.18
C HIS A 231 -10.60 -1.22 -18.13
N GLY A 232 -9.56 -1.88 -18.62
CA GLY A 232 -8.55 -1.24 -19.44
C GLY A 232 -7.88 -0.09 -18.73
N ASP A 233 -7.46 -0.33 -17.48
CA ASP A 233 -6.88 0.72 -16.64
C ASP A 233 -5.43 1.01 -17.01
N PHE A 234 -4.84 0.14 -17.83
CA PHE A 234 -3.49 0.33 -18.32
C PHE A 234 -3.44 0.01 -19.80
N SER A 235 -2.52 0.64 -20.52
CA SER A 235 -2.34 0.35 -21.94
C SER A 235 -1.99 -1.12 -22.11
N ALA A 236 -1.12 -1.61 -21.22
CA ALA A 236 -0.73 -3.01 -21.21
C ALA A 236 -0.07 -3.36 -19.88
N CYS A 237 -0.02 -4.65 -19.58
CA CYS A 237 0.69 -5.11 -18.40
C CYS A 237 1.75 -6.10 -18.83
N PHE A 238 2.97 -5.87 -18.37
CA PHE A 238 4.06 -6.78 -18.67
C PHE A 238 4.55 -7.43 -17.38
N SER A 239 4.42 -8.75 -17.32
CA SER A 239 4.87 -9.50 -16.16
C SER A 239 6.13 -10.28 -16.47
N TYR A 240 7.05 -10.31 -15.50
CA TYR A 240 8.29 -11.08 -15.68
C TYR A 240 8.29 -12.27 -14.74
N ASN A 241 7.08 -12.65 -14.30
CA ASN A 241 6.86 -13.95 -13.67
C ASN A 241 6.40 -14.92 -14.75
N LEU A 242 7.17 -15.98 -14.96
CA LEU A 242 6.87 -16.91 -16.03
C LEU A 242 5.63 -17.75 -15.71
N ARG A 243 5.19 -17.76 -14.46
CA ARG A 243 4.02 -18.52 -14.06
C ARG A 243 2.75 -17.71 -14.23
N THR A 244 2.92 -16.41 -14.48
CA THR A 244 1.80 -15.52 -14.79
C THR A 244 1.12 -15.99 -16.07
N SER A 245 -0.20 -16.14 -16.00
CA SER A 245 -0.95 -16.50 -17.19
C SER A 245 -1.20 -15.27 -18.03
N PRO A 246 -0.70 -15.27 -19.27
CA PRO A 246 -0.96 -14.17 -20.21
C PRO A 246 -2.44 -14.13 -20.59
N SER A 247 -2.93 -12.97 -21.04
CA SER A 247 -4.30 -12.85 -21.51
C SER A 247 -4.58 -13.77 -22.68
N ASN A 248 -5.86 -14.05 -22.92
CA ASN A 248 -6.28 -14.77 -24.11
C ASN A 248 -6.05 -13.91 -25.35
N ALA A 249 -6.33 -14.46 -26.53
CA ALA A 249 -6.10 -13.75 -27.78
C ALA A 249 -6.86 -12.43 -27.82
N THR A 250 -8.05 -12.40 -27.22
CA THR A 250 -8.86 -11.19 -27.14
C THR A 250 -9.32 -10.91 -25.70
N THR A 251 -9.45 -9.64 -25.35
CA THR A 251 -9.98 -9.25 -24.06
C THR A 251 -11.07 -8.22 -24.25
N PRO A 252 -11.95 -8.07 -23.26
CA PRO A 252 -13.08 -7.14 -23.39
C PRO A 252 -12.65 -5.70 -23.51
N SER A 253 -11.52 -5.36 -22.90
CA SER A 253 -11.02 -3.99 -22.92
C SER A 253 -10.08 -3.77 -24.09
N GLY A 254 -9.53 -4.86 -24.62
CA GLY A 254 -8.53 -4.77 -25.67
C GLY A 254 -7.11 -4.77 -25.13
N ARG A 255 -6.97 -4.44 -23.85
CA ARG A 255 -5.67 -4.44 -23.19
C ARG A 255 -5.26 -5.85 -22.76
N HIS A 256 -3.97 -6.17 -22.85
CA HIS A 256 -3.48 -7.51 -22.58
C HIS A 256 -2.46 -7.58 -21.46
N ILE A 257 -2.34 -8.77 -20.86
CA ILE A 257 -1.24 -9.07 -19.95
C ILE A 257 -0.22 -9.93 -20.70
N TYR A 258 1.00 -9.42 -20.80
CA TYR A 258 2.07 -10.10 -21.50
C TYR A 258 3.07 -10.69 -20.52
N VAL A 259 3.67 -11.82 -20.88
CA VAL A 259 4.61 -12.50 -20.01
C VAL A 259 5.88 -12.83 -20.77
N SER A 260 7.04 -12.49 -20.20
CA SER A 260 8.32 -12.82 -20.86
C SER A 260 9.49 -12.89 -19.89
N GLY A 261 10.61 -13.40 -20.39
CA GLY A 261 11.87 -13.35 -19.66
C GLY A 261 12.36 -11.92 -19.65
N PHE A 262 13.22 -11.59 -18.68
CA PHE A 262 13.75 -10.24 -18.55
C PHE A 262 14.90 -9.96 -19.52
N SER A 263 15.84 -10.88 -19.59
CA SER A 263 17.06 -10.68 -20.35
C SER A 263 16.85 -10.86 -21.86
N GLY A 264 17.74 -10.26 -22.64
CA GLY A 264 17.69 -10.43 -24.08
C GLY A 264 17.85 -9.13 -24.84
N GLN A 265 17.46 -9.15 -26.10
CA GLN A 265 17.46 -7.95 -26.92
C GLN A 265 16.03 -7.51 -27.17
N ASP A 266 15.46 -7.97 -28.26
CA ASP A 266 14.07 -7.63 -28.59
C ASP A 266 13.15 -8.64 -27.94
N ASP A 267 12.04 -8.15 -27.39
CA ASP A 267 11.07 -9.01 -26.75
C ASP A 267 9.70 -8.40 -26.93
N GLU A 268 8.68 -9.02 -26.34
CA GLU A 268 7.31 -8.54 -26.48
C GLU A 268 7.18 -7.09 -26.01
N PHE A 269 7.95 -6.70 -25.01
CA PHE A 269 7.88 -5.34 -24.49
C PHE A 269 8.45 -4.29 -25.45
N THR A 270 9.61 -4.58 -26.04
CA THR A 270 10.20 -3.66 -27.01
C THR A 270 9.32 -3.58 -28.27
N ASP A 271 8.88 -4.74 -28.75
CA ASP A 271 8.01 -4.81 -29.92
C ASP A 271 6.73 -3.99 -29.72
N TYR A 272 6.19 -4.08 -28.51
CA TYR A 272 5.00 -3.32 -28.13
C TYR A 272 5.24 -1.82 -28.18
N LEU A 273 6.33 -1.37 -27.58
CA LEU A 273 6.68 0.05 -27.59
C LEU A 273 6.92 0.54 -29.01
N VAL A 274 7.63 -0.25 -29.81
CA VAL A 274 7.87 0.11 -31.20
C VAL A 274 6.56 0.25 -31.97
N ALA A 275 5.64 -0.68 -31.74
CA ALA A 275 4.36 -0.68 -32.44
C ALA A 275 3.47 0.48 -32.02
N GLN A 276 3.44 0.78 -30.73
CA GLN A 276 2.57 1.83 -30.20
C GLN A 276 3.10 3.25 -30.43
N LEU A 277 4.42 3.40 -30.42
CA LEU A 277 5.00 4.75 -30.47
C LEU A 277 5.41 5.23 -31.83
N ALA A 278 6.04 4.37 -32.61
CA ALA A 278 6.47 4.81 -33.92
C ALA A 278 5.30 5.20 -34.86
N MET B 1 4.48 10.30 31.07
CA MET B 1 5.37 9.18 31.33
C MET B 1 6.56 9.17 30.38
N ARG B 2 7.68 8.61 30.84
CA ARG B 2 8.82 8.40 29.97
C ARG B 2 8.85 6.94 29.54
N LEU B 3 8.81 6.69 28.24
CA LEU B 3 8.89 5.32 27.78
C LEU B 3 10.30 5.05 27.28
N ASP B 4 10.95 4.04 27.86
CA ASP B 4 12.29 3.64 27.42
C ASP B 4 12.20 2.50 26.43
N LEU B 5 12.88 2.65 25.30
CA LEU B 5 12.80 1.67 24.23
C LEU B 5 14.18 1.24 23.76
N ASP B 6 14.30 -0.06 23.45
CA ASP B 6 15.54 -0.63 22.95
C ASP B 6 15.32 -1.15 21.54
N PHE B 7 15.98 -0.54 20.58
CA PHE B 7 15.79 -0.90 19.18
C PHE B 7 16.83 -1.91 18.70
N GLY B 8 17.68 -2.35 19.62
CA GLY B 8 18.65 -3.38 19.32
C GLY B 8 19.94 -2.75 18.80
N ARG B 9 20.96 -3.58 18.64
CA ARG B 9 22.27 -3.13 18.15
C ARG B 9 22.83 -1.97 18.96
N GLY B 10 22.51 -1.94 20.26
CA GLY B 10 23.00 -0.89 21.13
C GLY B 10 22.31 0.45 20.98
N LEU B 11 21.16 0.46 20.31
CA LEU B 11 20.43 1.70 20.09
C LEU B 11 19.27 1.85 21.08
N VAL B 12 19.34 2.87 21.94
CA VAL B 12 18.31 3.13 22.94
C VAL B 12 17.71 4.53 22.83
N ALA B 13 16.38 4.61 22.81
CA ALA B 13 15.71 5.91 22.71
C ALA B 13 14.52 5.97 23.66
N HIS B 14 14.02 7.19 23.89
CA HIS B 14 12.87 7.38 24.78
C HIS B 14 11.90 8.42 24.23
N VAL B 15 10.62 8.24 24.55
CA VAL B 15 9.58 9.16 24.10
C VAL B 15 8.58 9.48 25.23
N MET B 16 8.14 10.73 25.28
CA MET B 16 7.18 11.16 26.30
C MET B 16 5.77 10.68 26.01
N LEU B 17 5.10 10.19 27.05
CA LEU B 17 3.71 9.76 26.95
C LEU B 17 2.84 10.64 27.85
N ASP B 18 2.29 11.70 27.27
CA ASP B 18 1.53 12.68 28.05
C ASP B 18 0.21 12.11 28.57
N ASN B 19 -0.10 12.44 29.82
CA ASN B 19 -1.32 12.02 30.49
C ASN B 19 -1.39 10.50 30.59
N VAL B 20 -0.23 9.87 30.67
CA VAL B 20 -0.13 8.45 30.98
C VAL B 20 0.83 8.29 32.15
N SER B 21 0.37 7.65 33.21
CA SER B 21 1.23 7.37 34.35
C SER B 21 1.90 6.01 34.18
N GLU B 22 2.93 5.76 34.98
CA GLU B 22 3.60 4.47 35.00
C GLU B 22 2.61 3.38 35.40
N GLU B 23 1.73 3.71 36.33
CA GLU B 23 0.70 2.76 36.78
C GLU B 23 -0.33 2.48 35.70
N GLN B 24 -0.75 3.53 35.00
CA GLN B 24 -1.71 3.39 33.92
C GLN B 24 -1.16 2.52 32.80
N TYR B 25 0.13 2.68 32.51
CA TYR B 25 0.79 1.88 31.48
C TYR B 25 0.79 0.40 31.87
N GLN B 26 0.99 0.13 33.15
CA GLN B 26 1.04 -1.24 33.63
C GLN B 26 -0.34 -1.88 33.55
N GLN B 27 -1.38 -1.08 33.84
CA GLN B 27 -2.76 -1.54 33.72
C GLN B 27 -3.04 -2.07 32.32
N ILE B 28 -2.67 -1.27 31.33
CA ILE B 28 -2.87 -1.58 29.91
C ILE B 28 -2.09 -2.82 29.49
N SER B 29 -0.82 -2.89 29.88
CA SER B 29 0.02 -4.03 29.54
C SER B 29 -0.51 -5.32 30.16
N ASP B 30 -0.83 -5.26 31.45
CA ASP B 30 -1.33 -6.44 32.17
C ASP B 30 -2.63 -6.93 31.54
N TYR B 31 -3.37 -6.03 30.90
CA TYR B 31 -4.57 -6.39 30.16
C TYR B 31 -4.27 -6.89 28.74
N PHE B 32 -3.39 -6.18 28.04
CA PHE B 32 -3.14 -6.44 26.62
C PHE B 32 -2.30 -7.68 26.37
N VAL B 33 -1.23 -7.84 27.16
CA VAL B 33 -0.25 -8.91 26.96
C VAL B 33 -0.83 -10.34 26.93
N PRO B 34 -1.75 -10.68 27.85
CA PRO B 34 -2.24 -12.07 27.74
C PRO B 34 -3.15 -12.30 26.54
N LEU B 35 -3.58 -11.23 25.88
CA LEU B 35 -4.50 -11.39 24.75
C LEU B 35 -3.75 -11.51 23.44
N VAL B 36 -2.51 -11.01 23.41
CA VAL B 36 -1.71 -10.99 22.19
C VAL B 36 -1.55 -12.37 21.56
N ASN B 37 -1.30 -13.39 22.39
CA ASN B 37 -1.07 -14.75 21.90
C ASN B 37 -2.12 -15.76 22.35
N LYS B 38 -3.25 -15.25 22.81
CA LYS B 38 -4.30 -16.10 23.37
C LYS B 38 -5.05 -16.92 22.31
N PRO B 39 -5.10 -18.25 22.51
CA PRO B 39 -5.73 -19.17 21.55
C PRO B 39 -7.20 -18.86 21.30
N LYS B 40 -7.64 -19.01 20.04
CA LYS B 40 -9.05 -18.84 19.66
C LYS B 40 -9.54 -17.40 19.82
N LEU B 41 -8.62 -16.48 20.07
CA LEU B 41 -8.92 -15.06 20.10
C LEU B 41 -8.17 -14.36 18.97
N LYS B 42 -8.91 -13.77 18.04
CA LYS B 42 -8.30 -13.03 16.93
C LYS B 42 -7.56 -11.83 17.48
N SER B 43 -6.38 -11.55 16.94
CA SER B 43 -5.59 -10.43 17.45
C SER B 43 -6.25 -9.10 17.12
N ARG B 44 -7.09 -9.08 16.09
CA ARG B 44 -7.85 -7.87 15.76
C ARG B 44 -8.82 -7.53 16.90
N ASP B 45 -9.37 -8.57 17.53
CA ASP B 45 -10.22 -8.37 18.70
C ASP B 45 -9.35 -7.97 19.88
N ALA B 46 -8.23 -8.66 20.04
CA ALA B 46 -7.29 -8.40 21.13
C ALA B 46 -6.77 -6.96 21.12
N ILE B 47 -6.38 -6.47 19.94
CA ILE B 47 -5.86 -5.12 19.84
C ILE B 47 -6.98 -4.08 19.95
N GLY B 48 -8.10 -4.34 19.31
CA GLY B 48 -9.23 -3.43 19.36
C GLY B 48 -9.75 -3.24 20.78
N GLN B 49 -9.94 -4.36 21.49
CA GLN B 49 -10.44 -4.32 22.86
C GLN B 49 -9.45 -3.58 23.77
N ALA B 50 -8.16 -3.75 23.47
CA ALA B 50 -7.12 -3.07 24.23
C ALA B 50 -7.11 -1.56 23.99
N PHE B 51 -7.39 -1.15 22.76
CA PHE B 51 -7.44 0.26 22.44
C PHE B 51 -8.63 0.93 23.12
N VAL B 52 -9.78 0.23 23.15
CA VAL B 52 -10.96 0.71 23.87
C VAL B 52 -10.64 0.86 25.36
N MET B 53 -10.03 -0.18 25.90
CA MET B 53 -9.58 -0.21 27.30
C MET B 53 -8.59 0.92 27.62
N ALA B 54 -7.52 1.01 26.85
CA ALA B 54 -6.46 1.98 27.11
C ALA B 54 -6.97 3.43 27.07
N THR B 55 -7.85 3.72 26.12
CA THR B 55 -8.41 5.08 25.97
C THR B 55 -9.33 5.48 27.12
N GLU B 56 -10.04 4.50 27.69
CA GLU B 56 -10.85 4.76 28.88
C GLU B 56 -9.99 4.98 30.12
N VAL B 57 -8.90 4.21 30.23
CA VAL B 57 -7.98 4.37 31.35
C VAL B 57 -7.24 5.70 31.27
N CYS B 58 -6.85 6.11 30.06
CA CYS B 58 -6.13 7.37 29.88
C CYS B 58 -6.87 8.24 28.87
N PRO B 59 -8.02 8.81 29.26
CA PRO B 59 -8.87 9.55 28.33
C PRO B 59 -8.30 10.90 27.94
N ASP B 60 -7.17 11.26 28.52
CA ASP B 60 -6.51 12.52 28.18
C ASP B 60 -5.25 12.24 27.38
N ALA B 61 -4.89 10.96 27.29
CA ALA B 61 -3.75 10.55 26.48
C ALA B 61 -4.08 10.71 24.99
N ASN B 62 -3.05 10.97 24.18
CA ASN B 62 -3.19 10.93 22.73
C ASN B 62 -3.47 9.49 22.32
N PRO B 63 -4.67 9.24 21.76
CA PRO B 63 -5.06 7.89 21.37
C PRO B 63 -4.07 7.26 20.39
N SER B 64 -3.50 8.09 19.53
CA SER B 64 -2.57 7.62 18.53
C SER B 64 -1.27 7.15 19.19
N ASP B 65 -0.83 7.87 20.21
CA ASP B 65 0.36 7.46 20.97
C ASP B 65 0.12 6.13 21.69
N LEU B 66 -1.09 5.92 22.19
CA LEU B 66 -1.40 4.67 22.88
C LEU B 66 -1.41 3.53 21.89
N TRP B 67 -1.84 3.82 20.66
CA TRP B 67 -1.84 2.84 19.59
C TRP B 67 -0.42 2.54 19.15
N HIS B 68 0.31 3.61 18.82
CA HIS B 68 1.64 3.52 18.22
C HIS B 68 2.75 3.15 19.21
N HIS B 69 2.83 3.87 20.31
CA HIS B 69 3.93 3.69 21.27
C HIS B 69 3.68 2.59 22.31
N VAL B 70 2.42 2.29 22.57
CA VAL B 70 2.09 1.29 23.59
C VAL B 70 1.66 -0.05 22.97
N LEU B 71 0.49 -0.05 22.34
CA LEU B 71 -0.08 -1.29 21.80
C LEU B 71 0.79 -1.90 20.70
N TYR B 72 1.24 -1.08 19.76
CA TYR B 72 2.11 -1.56 18.67
C TYR B 72 3.40 -2.19 19.20
N ARG B 73 4.14 -1.42 19.99
CA ARG B 73 5.46 -1.86 20.45
C ARG B 73 5.39 -3.05 21.40
N ILE B 74 4.41 -3.07 22.29
CA ILE B 74 4.20 -4.24 23.14
C ILE B 74 3.86 -5.46 22.27
N TYR B 75 3.04 -5.26 21.25
CA TYR B 75 2.59 -6.34 20.38
C TYR B 75 3.78 -6.94 19.62
N ILE B 76 4.67 -6.08 19.14
CA ILE B 76 5.86 -6.52 18.43
C ILE B 76 6.75 -7.35 19.35
N ARG B 77 6.91 -6.88 20.58
CA ARG B 77 7.72 -7.56 21.58
C ARG B 77 7.17 -8.93 21.95
N GLU B 78 5.85 -9.03 22.09
CA GLU B 78 5.23 -10.23 22.67
C GLU B 78 4.73 -11.27 21.67
N LYS B 79 4.48 -10.87 20.42
CA LYS B 79 3.85 -11.80 19.47
C LYS B 79 4.75 -13.00 19.17
N ILE B 80 4.15 -14.19 19.21
CA ILE B 80 4.88 -15.46 19.12
C ILE B 80 4.38 -16.38 18.00
N GLY B 81 5.30 -17.11 17.38
CA GLY B 81 4.94 -18.13 16.40
C GLY B 81 4.56 -17.58 15.05
N THR B 82 4.76 -16.29 14.87
CA THR B 82 4.47 -15.62 13.61
C THR B 82 5.25 -14.32 13.59
N ASP B 83 5.52 -13.77 12.41
CA ASP B 83 6.32 -12.55 12.35
C ASP B 83 5.57 -11.39 12.98
N PRO B 84 6.16 -10.74 13.99
CA PRO B 84 5.46 -9.70 14.73
C PRO B 84 5.05 -8.50 13.88
N SER B 85 5.93 -8.03 12.99
CA SER B 85 5.63 -6.84 12.22
C SER B 85 4.53 -7.07 11.20
N GLN B 86 4.62 -8.18 10.47
CA GLN B 86 3.62 -8.49 9.47
C GLN B 86 2.32 -8.96 10.12
N SER B 87 2.41 -9.55 11.31
CA SER B 87 1.22 -9.93 12.06
C SER B 87 0.50 -8.67 12.48
N TRP B 88 1.27 -7.69 12.93
CA TRP B 88 0.75 -6.40 13.32
C TRP B 88 -0.02 -5.76 12.17
N VAL B 89 0.54 -5.81 10.97
CA VAL B 89 -0.09 -5.23 9.79
C VAL B 89 -1.45 -5.88 9.54
N ARG B 90 -1.48 -7.21 9.56
CA ARG B 90 -2.71 -7.95 9.27
C ARG B 90 -3.79 -7.74 10.34
N THR B 91 -3.40 -7.56 11.59
CA THR B 91 -4.37 -7.55 12.69
C THR B 91 -4.75 -6.16 13.19
N SER B 92 -3.80 -5.23 13.22
CA SER B 92 -4.06 -3.89 13.77
C SER B 92 -5.01 -3.05 12.91
N GLY B 93 -4.96 -3.23 11.61
CA GLY B 93 -5.82 -2.47 10.72
C GLY B 93 -7.29 -2.78 10.95
N GLU B 94 -7.63 -4.06 10.91
CA GLU B 94 -8.99 -4.50 11.20
C GLU B 94 -9.34 -4.23 12.66
N ALA B 95 -8.33 -4.18 13.51
CA ALA B 95 -8.51 -3.91 14.94
C ALA B 95 -9.05 -2.50 15.16
N PHE B 96 -8.64 -1.58 14.30
CA PHE B 96 -9.11 -0.21 14.37
C PHE B 96 -10.59 -0.17 13.97
N GLU B 97 -10.96 -1.00 13.00
CA GLU B 97 -12.35 -1.16 12.60
C GLU B 97 -13.18 -1.71 13.76
N VAL B 98 -12.67 -2.77 14.39
CA VAL B 98 -13.31 -3.35 15.56
C VAL B 98 -13.50 -2.31 16.66
N ALA B 99 -12.49 -1.48 16.87
CA ALA B 99 -12.53 -0.48 17.94
C ALA B 99 -13.48 0.66 17.63
N LEU B 100 -13.60 1.03 16.35
CA LEU B 100 -14.52 2.09 15.95
C LEU B 100 -15.96 1.68 16.17
N VAL B 101 -16.29 0.49 15.71
CA VAL B 101 -17.63 -0.09 15.88
C VAL B 101 -17.97 -0.26 17.36
N GLU B 102 -17.05 -0.84 18.12
CA GLU B 102 -17.27 -1.14 19.53
C GLU B 102 -17.51 0.16 20.33
N ARG B 103 -16.72 1.18 20.01
CA ARG B 103 -16.78 2.48 20.67
C ARG B 103 -18.01 3.34 20.33
N TYR B 104 -18.45 3.30 19.07
CA TYR B 104 -19.46 4.24 18.62
C TYR B 104 -20.89 3.68 18.57
N ASN B 105 -21.03 2.39 18.26
CA ASN B 105 -22.37 1.81 18.15
C ASN B 105 -23.28 2.02 19.37
N PRO B 106 -22.77 1.83 20.61
CA PRO B 106 -23.65 2.11 21.76
C PRO B 106 -24.24 3.53 21.79
N VAL B 107 -23.50 4.51 21.33
CA VAL B 107 -23.97 5.90 21.32
C VAL B 107 -24.87 6.18 20.10
N LEU B 108 -24.54 5.58 18.96
CA LEU B 108 -25.26 5.81 17.72
C LEU B 108 -26.60 5.07 17.68
N ALA B 109 -26.74 4.05 18.52
CA ALA B 109 -27.92 3.20 18.50
C ALA B 109 -29.22 3.96 18.82
N ARG B 110 -29.17 4.87 19.77
CA ARG B 110 -30.36 5.64 20.16
C ARG B 110 -30.83 6.56 19.03
N HIS B 111 -29.96 6.82 18.05
CA HIS B 111 -30.32 7.65 16.90
C HIS B 111 -30.63 6.79 15.67
N GLY B 112 -30.61 5.47 15.84
CA GLY B 112 -30.93 4.56 14.75
C GLY B 112 -29.77 4.33 13.79
N ILE B 113 -28.60 4.82 14.14
CA ILE B 113 -27.43 4.67 13.30
C ILE B 113 -26.60 3.47 13.77
N ARG B 114 -26.12 2.67 12.83
CA ARG B 114 -25.39 1.47 13.17
C ARG B 114 -24.14 1.30 12.31
N LEU B 115 -23.01 1.05 12.96
CA LEU B 115 -21.78 0.76 12.27
C LEU B 115 -21.54 -0.74 12.23
N THR B 116 -21.03 -1.23 11.11
CA THR B 116 -20.67 -2.64 10.99
C THR B 116 -19.33 -2.80 10.28
N ALA B 117 -18.40 -3.47 10.94
CA ALA B 117 -17.11 -3.75 10.33
C ALA B 117 -17.30 -4.81 9.26
N LEU B 118 -16.77 -4.54 8.08
CA LEU B 118 -16.93 -5.43 6.94
C LEU B 118 -15.67 -6.23 6.69
N PHE B 119 -15.81 -7.54 6.76
CA PHE B 119 -14.68 -8.43 6.62
C PHE B 119 -14.84 -9.33 5.39
N LYS B 120 -13.76 -9.43 4.61
CA LYS B 120 -13.72 -10.24 3.40
C LYS B 120 -14.88 -9.95 2.44
N GLY B 121 -15.88 -10.83 2.45
CA GLY B 121 -16.99 -10.74 1.52
C GLY B 121 -18.07 -9.75 1.91
N GLN B 122 -18.24 -9.54 3.22
CA GLN B 122 -19.16 -8.53 3.73
C GLN B 122 -18.99 -7.19 3.02
N LYS B 123 -17.76 -6.89 2.60
CA LYS B 123 -17.43 -5.64 1.92
C LYS B 123 -18.17 -5.53 0.59
N GLY B 124 -18.24 -6.66 -0.11
CA GLY B 124 -18.93 -6.74 -1.39
C GLY B 124 -20.41 -6.48 -1.22
N LEU B 125 -20.99 -7.07 -0.19
CA LEU B 125 -22.41 -6.93 0.08
C LEU B 125 -22.80 -5.48 0.39
N ALA B 126 -21.95 -4.79 1.13
CA ALA B 126 -22.22 -3.40 1.47
C ALA B 126 -22.22 -2.51 0.23
N LEU B 127 -21.31 -2.80 -0.70
CA LEU B 127 -21.20 -2.02 -1.93
C LEU B 127 -22.36 -2.28 -2.88
N THR B 128 -22.80 -3.54 -2.93
CA THR B 128 -23.98 -3.89 -3.72
C THR B 128 -25.20 -3.14 -3.22
N ARG B 129 -25.38 -3.12 -1.91
CA ARG B 129 -26.49 -2.42 -1.29
C ARG B 129 -26.38 -0.91 -1.50
N MET B 130 -25.15 -0.41 -1.56
CA MET B 130 -24.90 1.00 -1.82
C MET B 130 -25.22 1.41 -3.25
N GLY B 131 -25.10 0.48 -4.19
CA GLY B 131 -25.41 0.78 -5.58
C GLY B 131 -24.22 1.29 -6.37
N VAL B 132 -23.01 0.96 -5.90
CA VAL B 132 -21.78 1.41 -6.54
C VAL B 132 -20.94 0.22 -7.00
N ALA B 133 -21.54 -0.97 -6.94
CA ALA B 133 -20.82 -2.22 -7.21
C ALA B 133 -20.19 -2.28 -8.60
N ASP B 134 -20.85 -1.69 -9.59
CA ASP B 134 -20.31 -1.69 -10.95
C ASP B 134 -19.04 -0.84 -11.07
N ARG B 135 -19.01 0.25 -10.32
CA ARG B 135 -17.93 1.24 -10.44
C ARG B 135 -16.90 1.20 -9.30
N VAL B 136 -17.08 0.31 -8.33
CA VAL B 136 -16.14 0.24 -7.20
C VAL B 136 -15.65 -1.19 -6.97
N GLY B 137 -14.43 -1.32 -6.48
CA GLY B 137 -13.82 -2.61 -6.19
C GLY B 137 -14.57 -3.39 -5.12
N SER B 138 -14.42 -4.72 -5.14
CA SER B 138 -15.17 -5.63 -4.26
C SER B 138 -14.97 -5.37 -2.76
N ARG B 139 -13.80 -4.85 -2.39
CA ARG B 139 -13.45 -4.71 -0.99
C ARG B 139 -13.06 -3.29 -0.56
N LYS B 140 -13.62 -2.29 -1.22
CA LYS B 140 -13.18 -0.92 -1.00
C LYS B 140 -13.98 -0.13 0.03
N VAL B 141 -14.45 -0.79 1.09
CA VAL B 141 -15.09 -0.09 2.19
C VAL B 141 -14.87 -0.87 3.49
N ASP B 142 -14.52 -0.18 4.58
CA ASP B 142 -14.15 -0.86 5.82
C ASP B 142 -15.30 -1.00 6.80
N VAL B 143 -15.91 0.14 7.13
CA VAL B 143 -17.02 0.15 8.09
C VAL B 143 -18.27 0.71 7.44
N MET B 144 -19.29 -0.13 7.33
CA MET B 144 -20.56 0.29 6.75
C MET B 144 -21.39 1.10 7.74
N ILE B 145 -22.05 2.13 7.24
CA ILE B 145 -22.93 2.96 8.08
C ILE B 145 -24.38 2.73 7.65
N GLU B 146 -25.24 2.42 8.61
CA GLU B 146 -26.65 2.18 8.34
C GLU B 146 -27.57 3.06 9.18
N LYS B 147 -28.77 3.29 8.65
CA LYS B 147 -29.80 4.10 9.31
C LYS B 147 -31.14 3.37 9.36
N GLN B 148 -31.86 3.51 10.48
CA GLN B 148 -33.20 2.94 10.62
C GLN B 148 -34.23 3.75 9.85
N GLY B 149 -34.94 3.07 8.95
CA GLY B 149 -35.96 3.72 8.16
C GLY B 149 -35.39 4.62 7.09
N GLY B 150 -34.08 4.54 6.88
CA GLY B 150 -33.41 5.36 5.89
C GLY B 150 -32.42 4.56 5.06
N GLY B 151 -31.69 5.26 4.19
CA GLY B 151 -30.67 4.63 3.38
C GLY B 151 -31.25 3.73 2.30
N ARG B 152 -30.39 3.08 1.55
CA ARG B 152 -30.85 2.25 0.44
C ARG B 152 -30.66 0.76 0.73
N SER B 153 -31.49 -0.05 0.09
CA SER B 153 -31.51 -1.51 0.25
C SER B 153 -31.67 -1.94 1.71
N PRO B 154 -32.78 -1.56 2.36
CA PRO B 154 -32.99 -1.88 3.78
C PRO B 154 -33.05 -3.39 4.02
N ASP B 155 -32.60 -3.84 5.20
CA ASP B 155 -32.67 -5.25 5.56
C ASP B 155 -34.02 -5.59 6.21
N ALA B 156 -34.14 -6.80 6.73
CA ALA B 156 -35.38 -7.26 7.34
C ALA B 156 -35.88 -6.35 8.46
N GLU B 157 -34.95 -5.65 9.10
CA GLU B 157 -35.30 -4.78 10.21
C GLU B 157 -35.42 -3.31 9.79
N GLY B 158 -35.19 -3.04 8.52
CA GLY B 158 -35.33 -1.71 7.97
C GLY B 158 -34.09 -0.83 8.04
N PHE B 159 -32.93 -1.46 8.20
CA PHE B 159 -31.67 -0.75 8.19
C PHE B 159 -31.09 -0.61 6.79
N GLY B 160 -30.98 0.62 6.30
CA GLY B 160 -30.40 0.84 4.98
C GLY B 160 -29.05 1.54 5.06
N VAL B 161 -28.22 1.30 4.04
CA VAL B 161 -26.88 1.87 4.02
C VAL B 161 -26.90 3.33 3.58
N VAL B 162 -26.33 4.20 4.39
CA VAL B 162 -26.25 5.60 4.06
C VAL B 162 -24.83 6.01 3.67
N GLY B 163 -23.88 5.09 3.83
CA GLY B 163 -22.50 5.40 3.54
C GLY B 163 -21.51 4.45 4.15
N GLY B 164 -20.24 4.84 4.16
CA GLY B 164 -19.20 3.98 4.69
C GLY B 164 -18.00 4.71 5.24
N ILE B 165 -17.21 4.02 6.05
CA ILE B 165 -16.00 4.58 6.62
C ILE B 165 -14.75 3.93 6.01
N HIS B 166 -13.83 4.75 5.55
CA HIS B 166 -12.53 4.27 5.11
C HIS B 166 -11.58 4.41 6.29
N ALA B 167 -11.19 3.28 6.88
CA ALA B 167 -10.39 3.30 8.09
C ALA B 167 -8.92 3.03 7.79
N LYS B 168 -8.06 3.92 8.26
CA LYS B 168 -6.62 3.76 8.10
C LYS B 168 -5.90 4.18 9.37
N VAL B 169 -5.13 3.26 9.94
CA VAL B 169 -4.28 3.63 11.05
C VAL B 169 -3.31 4.72 10.61
N SER B 170 -2.69 4.50 9.45
CA SER B 170 -1.79 5.48 8.85
C SER B 170 -2.04 5.63 7.36
N LEU B 171 -1.63 6.78 6.81
CA LEU B 171 -1.97 7.14 5.44
C LEU B 171 -0.96 6.68 4.40
N ALA B 172 0.28 7.14 4.54
CA ALA B 172 1.32 6.94 3.54
C ALA B 172 0.76 7.30 2.15
N GLU B 173 1.02 6.44 1.17
CA GLU B 173 0.47 6.62 -0.16
C GLU B 173 -0.79 5.79 -0.31
N ARG B 174 -1.10 5.02 0.73
CA ARG B 174 -2.17 4.05 0.69
C ARG B 174 -3.56 4.69 0.71
N VAL B 175 -3.61 5.93 1.18
CA VAL B 175 -4.85 6.69 1.20
C VAL B 175 -5.41 6.89 -0.22
N SER B 176 -4.53 6.86 -1.23
CA SER B 176 -4.96 7.00 -2.62
C SER B 176 -5.80 5.81 -3.12
N ASP B 177 -5.75 4.69 -2.38
CA ASP B 177 -6.62 3.55 -2.68
C ASP B 177 -8.08 3.94 -2.58
N ASP B 178 -8.39 4.71 -1.56
CA ASP B 178 -9.76 4.97 -1.15
C ASP B 178 -10.44 6.08 -1.94
N ILE B 179 -9.62 6.97 -2.50
CA ILE B 179 -10.14 8.19 -3.12
C ILE B 179 -11.09 7.95 -4.30
N PRO B 180 -10.75 7.05 -5.23
CA PRO B 180 -11.72 6.81 -6.31
C PRO B 180 -13.04 6.25 -5.80
N ALA B 181 -12.97 5.25 -4.93
CA ALA B 181 -14.18 4.66 -4.34
C ALA B 181 -14.95 5.70 -3.54
N SER B 182 -14.22 6.52 -2.79
CA SER B 182 -14.84 7.53 -1.95
C SER B 182 -15.60 8.54 -2.80
N ARG B 183 -15.02 8.94 -3.92
CA ARG B 183 -15.64 9.95 -4.78
C ARG B 183 -16.91 9.43 -5.44
N ILE B 184 -16.91 8.15 -5.81
CA ILE B 184 -18.11 7.53 -6.38
C ILE B 184 -19.20 7.42 -5.33
N MET B 185 -18.82 7.10 -4.11
CA MET B 185 -19.76 7.03 -3.01
C MET B 185 -20.37 8.41 -2.78
N MET B 186 -19.52 9.43 -2.78
CA MET B 186 -19.98 10.81 -2.61
C MET B 186 -20.86 11.22 -3.77
N GLY B 187 -20.60 10.63 -4.95
CA GLY B 187 -21.40 10.89 -6.15
C GLY B 187 -22.78 10.24 -6.11
N GLU B 188 -23.05 9.45 -5.07
CA GLU B 188 -24.37 8.86 -4.87
C GLU B 188 -25.09 9.51 -3.70
N GLY B 189 -24.48 10.54 -3.11
CA GLY B 189 -25.04 11.16 -1.91
C GLY B 189 -24.77 10.35 -0.66
N LEU B 190 -23.99 9.27 -0.81
CA LEU B 190 -23.56 8.45 0.30
C LEU B 190 -22.45 9.13 1.10
N LEU B 191 -22.46 8.92 2.41
CA LEU B 191 -21.38 9.40 3.26
C LEU B 191 -20.13 8.57 3.00
N SER B 192 -18.99 9.24 2.91
CA SER B 192 -17.71 8.56 2.73
C SER B 192 -16.70 9.17 3.67
N VAL B 193 -16.55 8.56 4.84
CA VAL B 193 -15.74 9.13 5.91
C VAL B 193 -14.35 8.49 5.98
N LEU B 194 -13.33 9.33 6.11
CA LEU B 194 -11.97 8.85 6.39
C LEU B 194 -11.67 8.96 7.89
N SER B 195 -11.67 7.83 8.58
CA SER B 195 -11.32 7.81 10.00
C SER B 195 -9.90 7.32 10.16
N THR B 196 -9.09 8.06 10.90
CA THR B 196 -7.68 7.68 11.01
C THR B 196 -7.09 7.92 12.39
N LEU B 197 -6.08 7.12 12.70
CA LEU B 197 -5.31 7.31 13.92
C LEU B 197 -4.11 8.21 13.63
N ASP B 198 -3.90 8.50 12.34
CA ASP B 198 -2.79 9.32 11.85
C ASP B 198 -1.48 8.96 12.52
N VAL B 199 -1.09 7.69 12.40
CA VAL B 199 0.13 7.24 13.05
C VAL B 199 1.34 7.43 12.14
N LYS B 200 2.27 8.28 12.56
CA LYS B 200 3.57 8.38 11.91
C LYS B 200 4.59 9.00 12.84
N SER B 201 5.54 8.18 13.27
CA SER B 201 6.72 8.71 13.95
C SER B 201 7.94 8.19 13.21
N PHE B 202 9.04 8.93 13.29
CA PHE B 202 10.29 8.51 12.69
C PHE B 202 11.21 7.99 13.79
N PRO B 203 11.63 6.71 13.68
CA PRO B 203 12.45 6.04 14.69
C PRO B 203 13.91 6.51 14.68
N PRO B 204 14.66 6.25 15.76
CA PRO B 204 16.08 6.61 15.81
C PRO B 204 16.88 5.76 14.84
N PRO B 205 18.11 6.16 14.51
CA PRO B 205 18.87 7.34 14.97
C PRO B 205 18.37 8.68 14.41
N HIS B 206 17.84 8.68 13.19
CA HIS B 206 17.44 9.92 12.51
C HIS B 206 16.20 10.63 13.09
N GLY B 207 15.24 9.85 13.57
CA GLY B 207 13.99 10.40 14.08
C GLY B 207 13.90 10.59 15.59
N ASP B 208 13.01 11.48 16.03
CA ASP B 208 12.82 11.72 17.46
C ASP B 208 11.66 10.93 18.07
N LEU B 209 11.03 10.09 17.25
CA LEU B 209 9.95 9.20 17.69
C LEU B 209 8.66 9.92 18.10
N VAL B 210 8.57 11.21 17.83
CA VAL B 210 7.32 11.91 18.13
C VAL B 210 6.29 11.63 17.05
N ASN B 211 5.12 11.14 17.47
CA ASN B 211 4.09 10.74 16.52
C ASN B 211 3.28 11.95 16.06
N ARG B 212 3.76 12.58 14.99
CA ARG B 212 3.17 13.81 14.46
C ARG B 212 2.18 13.59 13.33
N GLY B 213 2.15 12.38 12.78
CA GLY B 213 1.26 12.08 11.68
C GLY B 213 1.75 12.62 10.35
N GLU B 214 0.92 12.51 9.32
CA GLU B 214 1.31 12.83 7.96
C GLU B 214 0.44 13.89 7.30
N LEU B 215 -0.29 14.67 8.08
CA LEU B 215 -1.22 15.66 7.51
C LEU B 215 -0.70 17.11 7.54
N GLY B 216 0.48 17.32 8.11
CA GLY B 216 1.11 18.63 8.14
C GLY B 216 0.33 19.75 8.82
N THR B 217 0.32 20.93 8.20
CA THR B 217 -0.34 22.11 8.76
C THR B 217 -1.34 22.68 7.76
N PRO B 218 -2.40 23.33 8.26
CA PRO B 218 -3.42 23.90 7.36
C PRO B 218 -2.92 25.06 6.49
N ASP B 219 -2.07 25.93 7.03
CA ASP B 219 -1.55 27.07 6.27
C ASP B 219 -0.73 26.64 5.06
N ARG B 220 0.08 25.60 5.23
CA ARG B 220 0.85 25.07 4.10
C ARG B 220 0.38 23.64 3.81
N PRO B 221 -0.71 23.51 3.05
CA PRO B 221 -1.38 22.24 2.79
C PRO B 221 -0.59 21.29 1.90
N SER B 222 -0.35 20.07 2.38
CA SER B 222 0.29 19.04 1.58
C SER B 222 -0.76 18.33 0.73
N ASP B 223 -0.31 17.53 -0.24
CA ASP B 223 -1.24 16.79 -1.10
C ASP B 223 -2.15 15.85 -0.29
N LYS B 224 -1.63 15.31 0.81
CA LYS B 224 -2.45 14.47 1.69
C LYS B 224 -3.56 15.27 2.33
N ARG B 225 -3.23 16.43 2.88
CA ARG B 225 -4.23 17.30 3.47
C ARG B 225 -5.20 17.81 2.41
N ASN B 226 -4.67 18.13 1.23
CA ASN B 226 -5.49 18.67 0.15
C ASN B 226 -6.43 17.62 -0.47
N TYR B 227 -6.19 16.35 -0.18
CA TYR B 227 -7.12 15.29 -0.53
C TYR B 227 -8.50 15.61 0.06
N ILE B 228 -8.48 16.15 1.28
CA ILE B 228 -9.71 16.52 1.96
C ILE B 228 -10.04 17.99 1.76
N GLU B 229 -9.10 18.86 2.12
CA GLU B 229 -9.35 20.30 2.17
C GLU B 229 -9.44 20.96 0.80
N GLY B 230 -8.79 20.36 -0.21
CA GLY B 230 -8.82 20.93 -1.54
C GLY B 230 -9.71 20.20 -2.52
N HIS B 231 -9.47 18.90 -2.67
CA HIS B 231 -10.21 18.10 -3.64
C HIS B 231 -11.55 17.63 -3.10
N GLY B 232 -11.67 17.57 -1.78
CA GLY B 232 -12.87 17.05 -1.15
C GLY B 232 -13.15 15.61 -1.52
N ASP B 233 -12.13 14.76 -1.42
CA ASP B 233 -12.24 13.37 -1.82
C ASP B 233 -12.96 12.52 -0.75
N PHE B 234 -13.19 13.12 0.41
CA PHE B 234 -13.95 12.47 1.47
C PHE B 234 -14.94 13.46 2.07
N SER B 235 -16.07 12.95 2.57
CA SER B 235 -17.10 13.78 3.21
C SER B 235 -16.52 14.53 4.40
N ALA B 236 -15.69 13.82 5.16
CA ALA B 236 -14.98 14.37 6.31
C ALA B 236 -13.82 13.45 6.70
N CYS B 237 -12.87 14.01 7.42
CA CYS B 237 -11.78 13.22 7.99
C CYS B 237 -11.74 13.38 9.50
N PHE B 238 -11.71 12.25 10.21
CA PHE B 238 -11.63 12.28 11.66
C PHE B 238 -10.33 11.65 12.12
N SER B 239 -9.48 12.45 12.76
CA SER B 239 -8.20 11.97 13.25
C SER B 239 -8.23 11.82 14.77
N TYR B 240 -7.62 10.76 15.27
CA TYR B 240 -7.57 10.56 16.70
C TYR B 240 -6.13 10.70 17.20
N ASN B 241 -5.31 11.37 16.40
CA ASN B 241 -4.01 11.85 16.84
C ASN B 241 -4.16 13.30 17.29
N LEU B 242 -3.83 13.57 18.54
CA LEU B 242 -4.02 14.91 19.09
C LEU B 242 -3.05 15.92 18.47
N ARG B 243 -2.02 15.43 17.79
CA ARG B 243 -1.05 16.31 17.14
C ARG B 243 -1.49 16.66 15.73
N THR B 244 -2.51 15.97 15.23
CA THR B 244 -3.10 16.31 13.94
C THR B 244 -3.73 17.69 14.01
N SER B 245 -3.34 18.56 13.08
CA SER B 245 -3.93 19.89 13.01
C SER B 245 -5.25 19.84 12.27
N PRO B 246 -6.33 20.26 12.95
CA PRO B 246 -7.64 20.30 12.31
C PRO B 246 -7.68 21.35 11.20
N SER B 247 -8.61 21.20 10.27
CA SER B 247 -8.78 22.19 9.20
C SER B 247 -9.13 23.55 9.79
N ASN B 248 -8.89 24.61 9.01
CA ASN B 248 -9.30 25.96 9.42
C ASN B 248 -10.83 26.06 9.36
N ALA B 249 -11.37 27.20 9.78
CA ALA B 249 -12.82 27.41 9.81
C ALA B 249 -13.44 27.20 8.43
N THR B 250 -12.71 27.57 7.39
CA THR B 250 -13.16 27.35 6.02
C THR B 250 -12.08 26.65 5.20
N THR B 251 -12.50 25.83 4.25
CA THR B 251 -11.59 25.20 3.30
C THR B 251 -12.16 25.39 1.89
N PRO B 252 -11.31 25.23 0.86
CA PRO B 252 -11.82 25.44 -0.49
C PRO B 252 -12.86 24.41 -0.91
N SER B 253 -12.75 23.20 -0.36
CA SER B 253 -13.65 22.13 -0.73
C SER B 253 -14.88 22.07 0.18
N GLY B 254 -14.77 22.64 1.37
CA GLY B 254 -15.86 22.58 2.33
C GLY B 254 -15.72 21.41 3.28
N ARG B 255 -14.90 20.43 2.89
CA ARG B 255 -14.64 19.26 3.73
C ARG B 255 -13.56 19.55 4.77
N HIS B 256 -13.72 19.00 5.97
CA HIS B 256 -12.83 19.32 7.07
C HIS B 256 -12.10 18.11 7.65
N ILE B 257 -10.98 18.38 8.32
CA ILE B 257 -10.29 17.40 9.14
C ILE B 257 -10.61 17.69 10.60
N TYR B 258 -11.21 16.73 11.28
CA TYR B 258 -11.57 16.90 12.69
C TYR B 258 -10.65 16.09 13.59
N VAL B 259 -10.39 16.61 14.78
CA VAL B 259 -9.49 15.95 15.72
C VAL B 259 -10.12 15.84 17.12
N SER B 260 -10.06 14.64 17.69
CA SER B 260 -10.62 14.40 19.02
C SER B 260 -9.96 13.22 19.71
N GLY B 261 -10.25 13.08 20.99
CA GLY B 261 -9.90 11.88 21.74
C GLY B 261 -10.80 10.76 21.28
N PHE B 262 -10.39 9.52 21.50
CA PHE B 262 -11.19 8.38 21.11
C PHE B 262 -12.33 8.08 22.08
N SER B 263 -12.01 8.03 23.38
CA SER B 263 -12.97 7.59 24.39
C SER B 263 -13.98 8.67 24.73
N GLY B 264 -15.14 8.25 25.25
CA GLY B 264 -16.18 9.18 25.64
C GLY B 264 -17.56 8.71 25.22
N GLN B 265 -18.50 9.64 25.15
CA GLN B 265 -19.83 9.32 24.68
C GLN B 265 -20.10 9.97 23.32
N ASP B 266 -20.61 11.19 23.33
CA ASP B 266 -20.84 11.93 22.10
C ASP B 266 -19.62 12.77 21.77
N ASP B 267 -19.30 12.85 20.48
CA ASP B 267 -18.16 13.66 20.02
C ASP B 267 -18.47 14.19 18.62
N GLU B 268 -17.52 14.91 18.03
CA GLU B 268 -17.72 15.50 16.71
C GLU B 268 -18.12 14.48 15.66
N PHE B 269 -17.59 13.26 15.78
CA PHE B 269 -17.93 12.20 14.83
C PHE B 269 -19.39 11.75 14.99
N THR B 270 -19.84 11.54 16.23
CA THR B 270 -21.23 11.18 16.47
C THR B 270 -22.17 12.30 16.06
N ASP B 271 -21.83 13.52 16.45
CA ASP B 271 -22.62 14.68 16.08
C ASP B 271 -22.72 14.82 14.56
N TYR B 272 -21.61 14.56 13.87
CA TYR B 272 -21.57 14.66 12.42
C TYR B 272 -22.51 13.64 11.79
N LEU B 273 -22.44 12.39 12.24
CA LEU B 273 -23.32 11.34 11.72
C LEU B 273 -24.79 11.62 12.05
N VAL B 274 -25.06 12.09 13.27
CA VAL B 274 -26.42 12.44 13.66
C VAL B 274 -26.98 13.56 12.79
N ALA B 275 -26.14 14.56 12.52
CA ALA B 275 -26.57 15.71 11.73
C ALA B 275 -26.82 15.36 10.27
N GLN B 276 -25.98 14.50 9.71
CA GLN B 276 -26.10 14.18 8.29
C GLN B 276 -27.27 13.24 8.01
N LEU B 277 -27.57 12.36 8.98
CA LEU B 277 -28.59 11.34 8.80
C LEU B 277 -29.94 11.75 9.40
N ALA B 278 -30.05 12.99 9.87
CA ALA B 278 -31.25 13.55 10.40
C ALA B 278 -32.41 13.56 9.38
#